data_3K0V
#
_entry.id   3K0V
#
_cell.length_a   61.810
_cell.length_b   50.134
_cell.length_c   65.545
_cell.angle_alpha   90.00
_cell.angle_beta   107.10
_cell.angle_gamma   90.00
#
_symmetry.space_group_name_H-M   'P 1 21 1'
#
loop_
_entity.id
_entity.type
_entity.pdbx_description
1 polymer Lactotransferrin
2 branched 2-acetamido-2-deoxy-beta-D-glucopyranose-(1-4)-2-acetamido-2-deoxy-beta-D-glucopyranose
3 branched alpha-D-mannopyranose-(1-4)-2-acetamido-2-deoxy-beta-D-glucopyranose-(1-4)-2-acetamido-2-deoxy-beta-D-glucopyranose
4 branched beta-D-glucopyranose-(1-4)-beta-D-galactopyranose-(1-4)-alpha-D-glucopyranose
5 non-polymer 'SULFATE ION'
6 non-polymer 'ZINC ION'
7 non-polymer 'FE (III) ION'
8 non-polymer 'CARBONATE ION'
9 water water
#
_entity_poly.entity_id   1
_entity_poly.type   'polypeptide(L)'
_entity_poly.pdbx_seq_one_letter_code
;YTRVVWCAVGPEEQKKCQQWSQQSGQNVTCATASTTDDCIVLVLKGEADALNLDGGYIYTAGKCGLVPVLAENRKSSKHS
SLDCVLRPTEGYLAVAVVKKANEGLTWNSLKDKKSCHTAVDRTAGWNIPMGLIVNQTGSCAFDEFFSQSCAPGADPKSRL
CALCAGDDQGLDKCVPNSKEKYYGYTGAFRCLAEDVGDVAFVKNDTVWENTNGESTADWAKNLKREDFRLLCLDGTRKPV
TEAQSCHLAVAPNHAVVSRSDRAAHVEQVLLHQQALFGKNGKNCPDKFCLFKSETKNLLFNDNTECLAKLGGRPTYEEYL
GTEYVTAIANLKKCSTSPLLEACAF
;
_entity_poly.pdbx_strand_id   A
#
loop_
_chem_comp.id
_chem_comp.type
_chem_comp.name
_chem_comp.formula
BGC D-saccharide, beta linking beta-D-glucopyranose 'C6 H12 O6'
CO3 non-polymer 'CARBONATE ION' 'C O3 -2'
FE non-polymer 'FE (III) ION' 'Fe 3'
GAL D-saccharide, beta linking beta-D-galactopyranose 'C6 H12 O6'
GLC D-saccharide, alpha linking alpha-D-glucopyranose 'C6 H12 O6'
MAN D-saccharide, alpha linking alpha-D-mannopyranose 'C6 H12 O6'
NAG D-saccharide, beta linking 2-acetamido-2-deoxy-beta-D-glucopyranose 'C8 H15 N O6'
SO4 non-polymer 'SULFATE ION' 'O4 S -2'
ZN non-polymer 'ZINC ION' 'Zn 2'
#
# COMPACT_ATOMS: atom_id res chain seq x y z
N TYR A 1 13.83 13.12 -24.49
CA TYR A 1 12.83 12.45 -23.62
C TYR A 1 13.46 11.84 -22.37
N THR A 2 14.75 11.52 -22.46
CA THR A 2 15.44 10.70 -21.46
C THR A 2 15.69 11.36 -20.08
N ARG A 3 14.59 11.70 -19.40
CA ARG A 3 14.64 12.23 -18.04
C ARG A 3 13.29 12.05 -17.35
N VAL A 4 13.24 11.14 -16.37
CA VAL A 4 12.01 10.79 -15.67
C VAL A 4 11.87 11.60 -14.38
N VAL A 5 10.71 12.19 -14.18
CA VAL A 5 10.40 12.94 -12.95
C VAL A 5 9.54 12.08 -12.03
N TRP A 6 10.15 11.56 -10.96
CA TRP A 6 9.45 10.70 -10.02
C TRP A 6 8.79 11.51 -8.91
N CYS A 7 7.54 11.17 -8.60
CA CYS A 7 6.79 11.85 -7.55
C CYS A 7 6.91 11.13 -6.21
N ALA A 8 7.33 11.86 -5.19
CA ALA A 8 7.51 11.31 -3.85
C ALA A 8 6.47 11.86 -2.89
N VAL A 9 5.87 10.98 -2.10
CA VAL A 9 4.86 11.36 -1.11
C VAL A 9 5.51 11.51 0.26
N GLY A 10 5.61 12.85 0.63
CA GLY A 10 6.10 13.21 1.97
C GLY A 10 7.62 13.32 1.96
N PRO A 11 8.21 13.90 3.03
CA PRO A 11 9.65 14.19 3.05
C PRO A 11 10.59 12.97 3.08
N GLU A 12 10.13 11.85 3.64
CA GLU A 12 10.97 10.65 3.74
C GLU A 12 11.17 10.01 2.37
N GLU A 13 10.09 9.87 1.61
CA GLU A 13 10.17 9.42 0.22
C GLU A 13 11.02 10.40 -0.61
N GLN A 14 10.86 11.70 -0.35
CA GLN A 14 11.66 12.73 -1.05
C GLN A 14 13.15 12.48 -0.85
N LYS A 15 13.56 12.20 0.39
CA LYS A 15 14.97 11.94 0.71
C LYS A 15 15.52 10.75 -0.07
N LYS A 16 14.79 9.62 -0.04
CA LYS A 16 15.16 8.42 -0.80
C LYS A 16 15.24 8.71 -2.30
N CYS A 17 14.25 9.42 -2.82
CA CYS A 17 14.21 9.80 -4.23
C CYS A 17 15.43 10.61 -4.60
N GLN A 18 15.80 11.57 -3.76
CA GLN A 18 16.99 12.41 -3.99
C GLN A 18 18.26 11.56 -4.10
N GLN A 19 18.36 10.54 -3.26
CA GLN A 19 19.49 9.60 -3.28
C GLN A 19 19.53 8.82 -4.58
N TRP A 20 18.38 8.30 -4.99
CA TRP A 20 18.19 7.63 -6.26
C TRP A 20 18.60 8.54 -7.41
N SER A 21 18.14 9.79 -7.37
CA SER A 21 18.46 10.79 -8.39
C SER A 21 19.97 11.00 -8.56
N GLN A 22 20.67 11.22 -7.45
CA GLN A 22 22.15 11.36 -7.48
C GLN A 22 22.81 10.13 -8.09
N GLN A 23 22.42 8.96 -7.63
CA GLN A 23 23.03 7.71 -8.09
C GLN A 23 22.71 7.38 -9.55
N SER A 24 21.55 7.81 -10.04
CA SER A 24 21.16 7.57 -11.42
C SER A 24 21.80 8.54 -12.42
N GLY A 25 22.60 9.49 -11.92
CA GLY A 25 23.22 10.52 -12.76
C GLY A 25 22.17 11.45 -13.38
N GLN A 26 21.15 11.77 -12.58
CA GLN A 26 20.03 12.65 -12.99
C GLN A 26 19.11 12.08 -14.07
N ASN A 27 19.26 10.80 -14.41
CA ASN A 27 18.32 10.14 -15.32
C ASN A 27 16.93 10.08 -14.71
N VAL A 28 16.91 10.09 -13.38
CA VAL A 28 15.68 10.22 -12.61
C VAL A 28 15.84 11.45 -11.75
N THR A 29 14.79 12.27 -11.69
CA THR A 29 14.75 13.41 -10.80
C THR A 29 13.46 13.36 -9.99
N CYS A 30 13.30 14.31 -9.07
CA CYS A 30 12.28 14.20 -8.04
C CYS A 30 11.34 15.39 -7.95
N ALA A 31 10.05 15.09 -7.95
CA ALA A 31 9.02 16.02 -7.53
C ALA A 31 8.46 15.44 -6.23
N THR A 32 7.94 16.30 -5.36
CA THR A 32 7.37 15.83 -4.09
C THR A 32 6.04 16.51 -3.78
N ALA A 33 5.11 15.75 -3.19
CA ALA A 33 3.81 16.27 -2.75
C ALA A 33 3.45 15.67 -1.38
N SER A 34 2.45 16.26 -0.72
CA SER A 34 2.08 15.83 0.64
C SER A 34 1.26 14.54 0.67
N THR A 35 0.54 14.28 -0.41
CA THR A 35 -0.33 13.09 -0.45
C THR A 35 -0.23 12.40 -1.80
N THR A 36 -0.67 11.14 -1.84
CA THR A 36 -0.67 10.39 -3.09
C THR A 36 -1.57 11.07 -4.13
N ASP A 37 -2.76 11.51 -3.70
CA ASP A 37 -3.65 12.26 -4.58
C ASP A 37 -2.99 13.48 -5.20
N ASP A 38 -2.24 14.23 -4.40
CA ASP A 38 -1.50 15.40 -4.90
C ASP A 38 -0.44 15.00 -5.94
N CYS A 39 0.25 13.88 -5.69
CA CYS A 39 1.19 13.31 -6.68
C CYS A 39 0.51 12.94 -8.01
N ILE A 40 -0.64 12.29 -7.94
CA ILE A 40 -1.42 11.99 -9.14
C ILE A 40 -1.76 13.27 -9.93
N VAL A 41 -2.16 14.32 -9.22
CA VAL A 41 -2.41 15.64 -9.83
C VAL A 41 -1.14 16.19 -10.53
N LEU A 42 0.01 16.12 -9.87
CA LEU A 42 1.27 16.54 -10.53
C LEU A 42 1.51 15.79 -11.83
N VAL A 43 1.29 14.48 -11.82
CA VAL A 43 1.42 13.66 -13.03
C VAL A 43 0.40 14.12 -14.09
N LEU A 44 -0.86 14.30 -13.70
CA LEU A 44 -1.89 14.79 -14.64
C LEU A 44 -1.53 16.14 -15.28
N LYS A 45 -0.94 17.03 -14.49
CA LYS A 45 -0.47 18.33 -15.01
C LYS A 45 0.80 18.23 -15.87
N GLY A 46 1.47 17.09 -15.84
CA GLY A 46 2.72 16.89 -16.56
C GLY A 46 3.93 17.45 -15.82
N GLU A 47 3.77 17.68 -14.51
CA GLU A 47 4.85 18.23 -13.66
C GLU A 47 5.62 17.13 -12.94
N ALA A 48 5.12 15.90 -13.06
CA ALA A 48 5.89 14.71 -12.77
C ALA A 48 5.51 13.64 -13.79
N ASP A 49 6.31 12.57 -13.88
CA ASP A 49 6.04 11.52 -14.85
C ASP A 49 5.33 10.31 -14.27
N ALA A 50 5.74 9.89 -13.09
CA ALA A 50 5.31 8.58 -12.60
C ALA A 50 5.47 8.43 -11.10
N LEU A 51 4.75 7.46 -10.55
CA LEU A 51 4.95 6.97 -9.19
C LEU A 51 4.29 5.60 -9.06
N ASN A 52 4.71 4.87 -8.03
CA ASN A 52 4.23 3.52 -7.77
C ASN A 52 3.08 3.60 -6.77
N LEU A 53 1.98 2.90 -7.05
CA LEU A 53 0.72 3.13 -6.33
C LEU A 53 0.01 1.85 -5.89
N ASP A 54 -0.57 1.88 -4.68
CA ASP A 54 -1.56 0.87 -4.27
C ASP A 54 -2.74 0.86 -5.27
N GLY A 55 -3.43 -0.27 -5.39
CA GLY A 55 -4.58 -0.44 -6.30
C GLY A 55 -5.76 0.54 -6.15
N GLY A 56 -6.05 0.93 -4.91
CA GLY A 56 -7.04 1.97 -4.65
C GLY A 56 -6.70 3.28 -5.30
N TYR A 57 -5.41 3.64 -5.23
CA TYR A 57 -4.91 4.84 -5.88
C TYR A 57 -4.82 4.66 -7.41
N ILE A 58 -4.55 3.44 -7.86
CA ILE A 58 -4.57 3.13 -9.30
C ILE A 58 -5.95 3.42 -9.90
N TYR A 59 -6.98 3.10 -9.12
CA TYR A 59 -8.36 3.41 -9.49
C TYR A 59 -8.57 4.92 -9.66
N THR A 60 -8.16 5.72 -8.67
CA THR A 60 -8.19 7.18 -8.77
C THR A 60 -7.41 7.70 -9.99
N ALA A 61 -6.17 7.24 -10.13
CA ALA A 61 -5.30 7.63 -11.25
C ALA A 61 -5.90 7.24 -12.61
N GLY A 62 -6.47 6.04 -12.66
CA GLY A 62 -7.01 5.49 -13.90
C GLY A 62 -8.26 6.18 -14.41
N LYS A 63 -9.11 6.62 -13.48
CA LYS A 63 -10.30 7.40 -13.79
C LYS A 63 -9.90 8.74 -14.42
N CYS A 64 -8.68 9.18 -14.11
CA CYS A 64 -8.15 10.44 -14.62
C CYS A 64 -7.27 10.26 -15.87
N GLY A 65 -7.21 9.03 -16.37
CA GLY A 65 -6.54 8.75 -17.64
C GLY A 65 -5.14 8.17 -17.55
N LEU A 66 -4.57 8.07 -16.35
CA LEU A 66 -3.21 7.47 -16.18
C LEU A 66 -3.23 5.95 -16.33
N VAL A 67 -2.14 5.36 -16.82
CA VAL A 67 -2.11 3.94 -17.19
C VAL A 67 -1.06 3.12 -16.40
N PRO A 68 -1.35 1.83 -16.14
CA PRO A 68 -0.32 0.99 -15.50
C PRO A 68 0.87 0.73 -16.42
N VAL A 69 2.05 0.64 -15.84
CA VAL A 69 3.29 0.56 -16.63
C VAL A 69 4.10 -0.72 -16.31
N LEU A 70 4.41 -0.92 -15.02
CA LEU A 70 5.09 -2.11 -14.51
C LEU A 70 4.52 -2.38 -13.12
N ALA A 71 4.49 -3.64 -12.69
CA ALA A 71 3.95 -4.00 -11.38
C ALA A 71 5.00 -4.54 -10.43
N GLU A 72 4.83 -4.26 -9.13
CA GLU A 72 5.64 -4.90 -8.10
C GLU A 72 5.49 -6.42 -8.19
N ASN A 73 6.63 -7.12 -8.15
CA ASN A 73 6.64 -8.57 -8.11
C ASN A 73 7.46 -9.00 -6.90
N ARG A 74 6.82 -9.60 -5.92
CA ARG A 74 7.54 -10.14 -4.76
C ARG A 74 8.02 -11.56 -5.08
N LYS A 75 8.80 -12.14 -4.18
CA LYS A 75 9.23 -13.52 -4.35
C LYS A 75 8.05 -14.49 -4.26
N SER A 76 8.10 -15.57 -5.04
CA SER A 76 7.01 -16.55 -5.05
C SER A 76 7.52 -17.99 -4.98
N SER A 77 6.73 -18.92 -5.51
CA SER A 77 7.08 -20.33 -5.57
C SER A 77 6.51 -21.02 -6.82
N LYS A 78 5.83 -20.24 -7.67
CA LYS A 78 5.38 -20.71 -8.98
C LYS A 78 6.07 -19.90 -10.08
N HIS A 79 6.08 -20.44 -11.30
CA HIS A 79 6.84 -19.88 -12.45
C HIS A 79 8.31 -19.64 -12.13
N SER A 80 8.89 -20.52 -11.32
CA SER A 80 10.22 -20.36 -10.75
C SER A 80 11.37 -20.25 -11.76
N SER A 81 11.15 -20.72 -12.99
CA SER A 81 12.19 -20.70 -14.03
C SER A 81 12.31 -19.33 -14.70
N LEU A 82 11.16 -18.70 -14.97
CA LEU A 82 11.11 -17.38 -15.60
C LEU A 82 11.82 -16.31 -14.78
N ASP A 83 12.38 -15.32 -15.49
CA ASP A 83 12.94 -14.15 -14.85
C ASP A 83 11.84 -13.38 -14.13
N CYS A 84 12.20 -12.75 -13.01
CA CYS A 84 11.26 -11.95 -12.22
C CYS A 84 10.50 -10.93 -13.09
N VAL A 85 11.21 -10.30 -14.01
CA VAL A 85 10.62 -9.26 -14.88
C VAL A 85 9.53 -9.84 -15.80
N LEU A 86 9.65 -11.12 -16.13
CA LEU A 86 8.72 -11.80 -17.03
C LEU A 86 7.75 -12.74 -16.29
N ARG A 87 8.00 -12.95 -15.01
CA ARG A 87 7.16 -13.81 -14.18
C ARG A 87 5.82 -13.11 -13.86
N PRO A 88 4.69 -13.82 -14.06
CA PRO A 88 3.37 -13.24 -13.75
C PRO A 88 3.19 -12.94 -12.26
N THR A 89 2.65 -11.76 -11.94
CA THR A 89 2.38 -11.35 -10.56
C THR A 89 1.25 -12.18 -9.93
N GLU A 90 1.32 -12.38 -8.61
CA GLU A 90 0.36 -13.26 -7.93
C GLU A 90 -0.59 -12.57 -6.96
N GLY A 91 -0.42 -11.27 -6.76
CA GLY A 91 -1.32 -10.49 -5.91
C GLY A 91 -1.13 -10.81 -4.45
N TYR A 92 -1.49 -9.88 -3.58
CA TYR A 92 -1.30 -10.07 -2.16
C TYR A 92 -2.60 -10.31 -1.41
N LEU A 93 -2.48 -10.83 -0.20
CA LEU A 93 -3.63 -11.20 0.61
C LEU A 93 -4.03 -10.11 1.61
N ALA A 94 -5.18 -9.49 1.36
CA ALA A 94 -5.71 -8.51 2.29
C ALA A 94 -6.24 -9.27 3.50
N VAL A 95 -5.76 -8.90 4.69
CA VAL A 95 -6.18 -9.58 5.93
C VAL A 95 -6.66 -8.61 7.01
N ALA A 96 -7.40 -9.15 7.99
CA ALA A 96 -7.73 -8.45 9.21
C ALA A 96 -7.02 -9.16 10.38
N VAL A 97 -6.21 -8.40 11.12
CA VAL A 97 -5.33 -8.97 12.15
C VAL A 97 -5.70 -8.43 13.52
N VAL A 98 -5.67 -9.32 14.51
CA VAL A 98 -5.94 -8.96 15.91
C VAL A 98 -4.90 -9.58 16.83
N LYS A 99 -4.93 -9.20 18.11
CA LYS A 99 -4.13 -9.87 19.13
C LYS A 99 -4.78 -11.19 19.55
N LYS A 100 -3.97 -12.25 19.64
CA LYS A 100 -4.46 -13.53 20.21
C LYS A 100 -5.11 -13.29 21.58
N ALA A 101 -4.48 -12.43 22.38
CA ALA A 101 -4.94 -12.12 23.74
C ALA A 101 -6.29 -11.40 23.77
N ASN A 102 -6.70 -10.82 22.64
CA ASN A 102 -8.02 -10.22 22.49
C ASN A 102 -9.03 -11.32 22.12
N GLU A 103 -9.36 -12.14 23.11
CA GLU A 103 -10.14 -13.35 22.89
C GLU A 103 -11.60 -13.05 22.63
N GLY A 104 -12.21 -13.80 21.71
CA GLY A 104 -13.61 -13.55 21.38
C GLY A 104 -13.91 -12.44 20.39
N LEU A 105 -12.88 -11.73 19.95
CA LEU A 105 -13.06 -10.77 18.86
C LEU A 105 -13.04 -11.51 17.54
N THR A 106 -14.07 -11.31 16.73
CA THR A 106 -14.18 -11.94 15.43
C THR A 106 -14.66 -10.91 14.42
N TRP A 107 -14.68 -11.28 13.15
CA TRP A 107 -15.25 -10.42 12.10
C TRP A 107 -16.63 -9.91 12.51
N ASN A 108 -17.41 -10.78 13.14
CA ASN A 108 -18.80 -10.47 13.52
C ASN A 108 -18.97 -9.65 14.80
N SER A 109 -17.87 -9.32 15.47
CA SER A 109 -17.95 -8.43 16.64
C SER A 109 -17.08 -7.17 16.51
N LEU A 110 -16.87 -6.69 15.18
CA LEU A 110 -16.00 -5.55 14.90
C LEU A 110 -16.66 -4.19 15.15
N LYS A 111 -17.96 -4.24 15.16
CA LYS A 111 -18.68 -2.98 15.45
C LYS A 111 -18.28 -2.39 16.80
N ASP A 112 -18.07 -1.08 16.82
CA ASP A 112 -17.67 -0.29 18.00
C ASP A 112 -16.28 -0.61 18.59
N LYS A 113 -15.46 -1.35 17.84
CA LYS A 113 -14.06 -1.58 18.25
C LYS A 113 -13.15 -0.49 17.67
N LYS A 114 -11.85 -0.59 17.95
CA LYS A 114 -10.86 0.41 17.48
C LYS A 114 -10.09 -0.17 16.31
N SER A 115 -10.02 0.57 15.20
CA SER A 115 -9.40 0.05 13.98
C SER A 115 -8.16 0.82 13.50
N CYS A 116 -7.26 0.10 12.82
CA CYS A 116 -6.04 0.66 12.25
C CYS A 116 -6.02 0.36 10.76
N HIS A 117 -5.94 1.41 9.95
CA HIS A 117 -6.03 1.31 8.50
C HIS A 117 -4.78 1.91 7.89
N THR A 118 -4.30 1.36 6.78
CA THR A 118 -3.13 1.90 6.07
C THR A 118 -3.35 3.37 5.67
N ALA A 119 -4.47 3.63 5.00
CA ALA A 119 -4.95 4.97 4.64
C ALA A 119 -6.33 4.83 3.97
N VAL A 120 -7.14 5.86 4.04
CA VAL A 120 -8.35 5.99 3.19
C VAL A 120 -7.95 5.75 1.74
N ASP A 121 -8.81 5.04 1.00
CA ASP A 121 -8.67 4.79 -0.45
C ASP A 121 -7.69 3.65 -0.80
N ARG A 122 -6.96 3.11 0.18
CA ARG A 122 -6.05 2.00 -0.12
C ARG A 122 -6.76 0.63 -0.10
N THR A 123 -6.19 -0.35 -0.79
CA THR A 123 -6.87 -1.64 -1.03
C THR A 123 -7.15 -2.44 0.24
N ALA A 124 -6.10 -2.95 0.87
CA ALA A 124 -6.24 -3.81 2.05
C ALA A 124 -6.65 -2.99 3.25
N GLY A 125 -6.15 -1.76 3.34
CA GLY A 125 -6.43 -0.91 4.50
C GLY A 125 -7.82 -0.31 4.53
N TRP A 126 -8.48 -0.22 3.38
CA TRP A 126 -9.73 0.56 3.32
C TRP A 126 -10.81 0.03 2.37
N ASN A 127 -10.50 -0.05 1.07
CA ASN A 127 -11.53 -0.42 0.09
C ASN A 127 -12.17 -1.79 0.36
N ILE A 128 -11.32 -2.76 0.67
CA ILE A 128 -11.77 -4.13 0.91
C ILE A 128 -12.59 -4.22 2.21
N PRO A 129 -11.99 -3.89 3.38
CA PRO A 129 -12.73 -4.00 4.65
C PRO A 129 -13.97 -3.08 4.75
N MET A 130 -13.84 -1.83 4.31
CA MET A 130 -14.97 -0.90 4.39
C MET A 130 -16.09 -1.23 3.39
N GLY A 131 -15.70 -1.74 2.23
CA GLY A 131 -16.66 -2.21 1.23
C GLY A 131 -17.45 -3.39 1.78
N LEU A 132 -16.74 -4.32 2.41
CA LEU A 132 -17.36 -5.48 3.06
C LEU A 132 -18.30 -5.08 4.18
N ILE A 133 -17.88 -4.10 4.99
CA ILE A 133 -18.67 -3.62 6.12
C ILE A 133 -19.92 -2.85 5.68
N VAL A 134 -19.79 -1.98 4.68
CA VAL A 134 -20.93 -1.26 4.09
C VAL A 134 -22.00 -2.24 3.56
N ASN A 135 -21.56 -3.24 2.80
CA ASN A 135 -22.47 -4.27 2.27
C ASN A 135 -23.22 -5.03 3.36
N GLN A 136 -22.48 -5.49 4.37
CA GLN A 136 -23.07 -6.34 5.41
C GLN A 136 -24.00 -5.56 6.35
N THR A 137 -23.62 -4.34 6.71
CA THR A 137 -24.46 -3.51 7.57
C THR A 137 -25.60 -2.81 6.80
N GLY A 138 -25.53 -2.89 5.47
CA GLY A 138 -26.47 -2.19 4.58
C GLY A 138 -26.48 -0.69 4.75
N SER A 139 -25.37 -0.15 5.27
CA SER A 139 -25.28 1.27 5.62
C SER A 139 -24.04 1.92 5.03
N CYS A 140 -24.17 3.19 4.65
CA CYS A 140 -23.05 3.99 4.16
C CYS A 140 -22.31 4.73 5.27
N ALA A 141 -22.78 4.58 6.50
CA ALA A 141 -22.20 5.25 7.65
C ALA A 141 -20.97 4.50 8.19
N PHE A 142 -20.03 4.15 7.30
CA PHE A 142 -18.79 3.47 7.68
C PHE A 142 -17.92 4.30 8.62
N ASP A 143 -18.28 5.57 8.78
CA ASP A 143 -17.55 6.51 9.61
C ASP A 143 -18.03 6.48 11.06
N GLU A 144 -19.04 5.66 11.33
CA GLU A 144 -19.58 5.47 12.68
C GLU A 144 -19.50 4.02 13.14
N PHE A 145 -18.92 3.16 12.30
CA PHE A 145 -18.85 1.72 12.57
C PHE A 145 -17.90 1.39 13.72
N PHE A 146 -16.67 1.88 13.62
CA PHE A 146 -15.68 1.69 14.67
C PHE A 146 -15.77 2.86 15.63
N SER A 147 -15.63 2.60 16.92
CA SER A 147 -15.61 3.67 17.92
C SER A 147 -14.55 4.73 17.59
N GLN A 148 -13.32 4.28 17.33
CA GLN A 148 -12.21 5.15 16.97
C GLN A 148 -11.34 4.45 15.94
N SER A 149 -10.59 5.23 15.16
CA SER A 149 -9.71 4.66 14.15
C SER A 149 -8.47 5.53 13.90
N CYS A 150 -7.48 4.94 13.25
CA CYS A 150 -6.49 5.72 12.53
C CYS A 150 -6.66 5.36 11.08
N ALA A 151 -7.23 6.28 10.32
CA ALA A 151 -7.40 6.11 8.88
C ALA A 151 -6.82 7.34 8.20
N PRO A 152 -5.50 7.34 7.97
CA PRO A 152 -4.87 8.52 7.39
C PRO A 152 -5.58 8.98 6.12
N GLY A 153 -5.85 10.28 6.03
CA GLY A 153 -6.60 10.87 4.92
C GLY A 153 -8.02 11.28 5.31
N ALA A 154 -8.49 10.79 6.47
CA ALA A 154 -9.79 11.21 6.98
C ALA A 154 -9.73 12.59 7.65
N ASP A 155 -10.89 13.15 7.99
CA ASP A 155 -10.92 14.42 8.74
C ASP A 155 -10.16 14.26 10.07
N PRO A 156 -9.10 15.06 10.30
CA PRO A 156 -8.26 14.95 11.51
C PRO A 156 -9.01 15.09 12.85
N LYS A 157 -10.13 15.82 12.88
CA LYS A 157 -10.88 15.96 14.13
C LYS A 157 -11.95 14.88 14.33
N SER A 158 -12.11 14.00 13.34
CA SER A 158 -13.12 12.94 13.39
C SER A 158 -12.64 11.69 14.13
N ARG A 159 -13.60 10.84 14.47
CA ARG A 159 -13.29 9.55 15.11
C ARG A 159 -12.38 8.68 14.25
N LEU A 160 -12.46 8.84 12.92
CA LEU A 160 -11.64 8.06 11.98
C LEU A 160 -10.14 8.41 12.06
N CYS A 161 -9.81 9.55 12.67
CA CYS A 161 -8.42 9.97 12.88
C CYS A 161 -7.98 9.93 14.34
N ALA A 162 -8.93 9.62 15.23
CA ALA A 162 -8.70 9.73 16.69
C ALA A 162 -7.49 8.97 17.22
N LEU A 163 -7.17 7.84 16.61
CA LEU A 163 -6.03 7.01 17.02
C LEU A 163 -4.70 7.35 16.36
N CYS A 164 -4.72 8.18 15.32
CA CYS A 164 -3.48 8.58 14.64
C CYS A 164 -2.61 9.45 15.55
N ALA A 165 -1.30 9.39 15.36
CA ALA A 165 -0.34 9.97 16.30
C ALA A 165 0.53 11.08 15.72
N GLY A 166 0.53 11.23 14.40
CA GLY A 166 1.38 12.22 13.74
C GLY A 166 2.86 11.87 13.85
N ASP A 167 3.72 12.88 13.71
CA ASP A 167 5.18 12.70 13.75
C ASP A 167 5.77 12.82 15.16
N ASP A 168 7.11 12.88 15.25
CA ASP A 168 7.86 13.07 16.50
C ASP A 168 7.33 14.22 17.37
N GLN A 169 7.02 15.34 16.72
CA GLN A 169 6.49 16.53 17.38
C GLN A 169 4.99 16.49 17.56
N GLY A 170 4.36 15.39 17.13
CA GLY A 170 2.91 15.29 17.15
C GLY A 170 2.25 16.19 16.13
N LEU A 171 3.00 16.51 15.06
CA LEU A 171 2.48 17.27 13.93
C LEU A 171 2.00 16.33 12.84
N ASP A 172 1.13 16.85 11.97
CA ASP A 172 0.66 16.09 10.80
C ASP A 172 -0.16 14.88 11.21
N LYS A 173 -1.12 15.11 12.13
CA LYS A 173 -1.98 14.04 12.63
C LYS A 173 -2.90 13.53 11.52
N CYS A 174 -2.88 12.22 11.31
CA CYS A 174 -3.73 11.53 10.33
C CYS A 174 -3.47 11.94 8.88
N VAL A 175 -2.31 12.48 8.56
CA VAL A 175 -1.84 12.77 7.19
C VAL A 175 -1.45 11.45 6.51
N PRO A 176 -1.92 11.29 5.26
CA PRO A 176 -1.70 10.04 4.53
C PRO A 176 -0.30 9.98 3.91
N ASN A 177 0.72 10.08 4.75
CA ASN A 177 2.11 9.89 4.32
C ASN A 177 2.97 9.37 5.48
N SER A 178 4.21 8.97 5.18
CA SER A 178 5.02 8.24 6.15
C SER A 178 5.34 9.04 7.42
N LYS A 179 5.08 10.35 7.41
CA LYS A 179 5.24 11.21 8.61
C LYS A 179 4.31 10.81 9.75
N GLU A 180 3.13 10.32 9.40
CA GLU A 180 2.19 9.81 10.39
C GLU A 180 2.65 8.44 10.91
N LYS A 181 2.83 8.35 12.22
CA LYS A 181 3.37 7.16 12.89
C LYS A 181 2.66 5.89 12.45
N TYR A 182 1.35 5.95 12.33
CA TYR A 182 0.56 4.77 12.02
C TYR A 182 0.17 4.66 10.53
N TYR A 183 0.90 5.33 9.64
CA TYR A 183 0.64 5.28 8.19
C TYR A 183 1.10 3.97 7.48
N GLY A 184 0.31 3.51 6.51
CA GLY A 184 0.73 2.43 5.61
C GLY A 184 0.68 1.05 6.26
N TYR A 185 1.17 0.03 5.53
CA TYR A 185 1.20 -1.33 6.07
C TYR A 185 1.85 -1.43 7.45
N THR A 186 3.09 -0.94 7.56
CA THR A 186 3.86 -1.06 8.79
C THR A 186 3.24 -0.23 9.94
N GLY A 187 2.82 1.00 9.63
CA GLY A 187 2.18 1.89 10.62
C GLY A 187 0.89 1.33 11.17
N ALA A 188 0.07 0.75 10.28
CA ALA A 188 -1.19 0.16 10.73
C ALA A 188 -0.95 -1.08 11.59
N PHE A 189 0.04 -1.90 11.23
CA PHE A 189 0.40 -3.06 12.07
C PHE A 189 0.97 -2.63 13.43
N ARG A 190 1.71 -1.52 13.46
CA ARG A 190 2.23 -0.96 14.71
C ARG A 190 1.11 -0.50 15.64
N CYS A 191 0.11 0.14 15.05
CA CYS A 191 -1.11 0.56 15.73
C CYS A 191 -1.76 -0.63 16.46
N LEU A 192 -1.83 -1.78 15.79
CA LEU A 192 -2.32 -3.02 16.43
C LEU A 192 -1.33 -3.55 17.47
N ALA A 193 -0.06 -3.65 17.09
CA ALA A 193 0.98 -4.17 17.99
C ALA A 193 1.04 -3.43 19.32
N GLU A 194 0.88 -2.11 19.28
CA GLU A 194 0.95 -1.28 20.49
C GLU A 194 -0.38 -1.24 21.25
N ASP A 195 -1.36 -1.99 20.76
CA ASP A 195 -2.72 -2.03 21.33
C ASP A 195 -3.46 -0.68 21.29
N VAL A 196 -3.06 0.17 20.34
CA VAL A 196 -3.79 1.42 20.09
C VAL A 196 -5.14 1.06 19.44
N GLY A 197 -5.11 0.08 18.56
CA GLY A 197 -6.31 -0.42 17.93
C GLY A 197 -6.52 -1.90 18.24
N ASP A 198 -7.75 -2.36 18.03
CA ASP A 198 -8.13 -3.75 18.22
C ASP A 198 -7.90 -4.61 16.98
N VAL A 199 -7.92 -3.95 15.83
CA VAL A 199 -7.82 -4.62 14.54
C VAL A 199 -6.99 -3.77 13.57
N ALA A 200 -6.14 -4.43 12.79
CA ALA A 200 -5.40 -3.79 11.72
C ALA A 200 -5.78 -4.40 10.38
N PHE A 201 -6.07 -3.53 9.41
CA PHE A 201 -6.36 -3.95 8.05
C PHE A 201 -5.11 -3.77 7.20
N VAL A 202 -4.38 -4.87 7.02
CA VAL A 202 -3.11 -4.88 6.28
C VAL A 202 -3.05 -6.04 5.30
N LYS A 203 -1.83 -6.44 4.90
CA LYS A 203 -1.66 -7.65 4.11
C LYS A 203 -0.92 -8.75 4.87
N ASN A 204 -1.03 -9.99 4.40
CA ASN A 204 -0.36 -11.13 5.02
C ASN A 204 1.13 -10.86 5.26
N ASP A 205 1.81 -10.36 4.23
CA ASP A 205 3.25 -10.12 4.29
C ASP A 205 3.67 -9.24 5.47
N THR A 206 2.86 -8.22 5.74
CA THR A 206 3.13 -7.25 6.82
C THR A 206 3.34 -7.95 8.17
N VAL A 207 2.46 -8.91 8.48
CA VAL A 207 2.55 -9.62 9.75
C VAL A 207 3.87 -10.38 9.83
N TRP A 208 4.18 -11.16 8.78
CA TRP A 208 5.41 -11.95 8.74
C TRP A 208 6.66 -11.08 8.83
N GLU A 209 6.65 -9.98 8.08
CA GLU A 209 7.81 -9.08 7.96
C GLU A 209 8.12 -8.26 9.22
N ASN A 210 7.20 -8.25 10.18
CA ASN A 210 7.38 -7.45 11.41
C ASN A 210 7.32 -8.25 12.72
N THR A 211 7.54 -9.56 12.62
CA THR A 211 7.46 -10.46 13.76
C THR A 211 8.66 -11.42 13.72
N ASN A 212 8.91 -12.09 14.84
CA ASN A 212 9.96 -13.12 14.96
C ASN A 212 11.34 -12.67 14.46
N GLY A 213 11.72 -11.44 14.81
CA GLY A 213 13.04 -10.91 14.50
C GLY A 213 13.22 -10.40 13.08
N GLU A 214 12.14 -10.34 12.31
CA GLU A 214 12.26 -9.88 10.92
C GLU A 214 12.47 -8.37 10.76
N SER A 215 12.19 -7.59 11.82
CA SER A 215 12.23 -6.11 11.73
C SER A 215 13.39 -5.37 12.43
N THR A 216 13.69 -5.72 13.68
CA THR A 216 14.70 -5.04 14.54
C THR A 216 14.29 -3.67 15.12
N ALA A 217 13.25 -3.05 14.54
CA ALA A 217 12.74 -1.78 15.05
C ALA A 217 12.19 -1.96 16.47
N ASP A 218 12.40 -0.90 17.16
CA ASP A 218 12.10 -0.82 18.60
C ASP A 218 10.75 -1.41 19.03
N TRP A 219 9.59 -1.10 18.31
CA TRP A 219 8.23 -1.57 18.55
C TRP A 219 8.04 -3.02 18.06
N ALA A 220 8.81 -3.41 17.06
CA ALA A 220 8.67 -4.74 16.43
C ALA A 220 9.66 -5.82 16.92
N LYS A 221 10.82 -5.40 17.42
CA LYS A 221 11.88 -6.28 17.95
C LYS A 221 11.36 -7.56 18.58
N ASN A 222 10.41 -7.38 19.49
CA ASN A 222 10.01 -8.40 20.44
C ASN A 222 8.67 -9.07 20.09
N LEU A 223 8.13 -8.80 18.90
CA LEU A 223 6.84 -9.34 18.51
C LEU A 223 6.88 -10.78 18.00
N LYS A 224 5.96 -11.60 18.50
CA LYS A 224 5.88 -13.00 18.14
C LYS A 224 4.62 -13.28 17.32
N ARG A 225 4.77 -14.02 16.22
CA ARG A 225 3.68 -14.39 15.32
C ARG A 225 2.49 -15.07 16.00
N GLU A 226 2.77 -15.92 16.99
CA GLU A 226 1.74 -16.66 17.71
C GLU A 226 0.85 -15.77 18.58
N ASP A 227 1.29 -14.53 18.78
CA ASP A 227 0.53 -13.55 19.55
C ASP A 227 -0.51 -12.82 18.70
N PHE A 228 -0.56 -13.14 17.41
CA PHE A 228 -1.52 -12.56 16.48
C PHE A 228 -2.46 -13.59 15.86
N ARG A 229 -3.68 -13.16 15.55
CA ARG A 229 -4.65 -14.00 14.85
C ARG A 229 -5.24 -13.26 13.66
N LEU A 230 -5.70 -14.01 12.66
CA LEU A 230 -6.43 -13.46 11.53
C LEU A 230 -7.94 -13.68 11.67
N LEU A 231 -8.70 -12.67 11.26
CA LEU A 231 -10.17 -12.76 11.28
C LEU A 231 -10.70 -13.22 9.93
N CYS A 232 -11.38 -14.36 9.92
CA CYS A 232 -11.94 -14.89 8.68
C CYS A 232 -13.36 -14.39 8.50
N LEU A 233 -13.81 -14.31 7.25
CA LEU A 233 -15.15 -13.83 6.94
C LEU A 233 -16.27 -14.69 7.54
N ASP A 234 -15.99 -15.97 7.76
CA ASP A 234 -16.96 -16.87 8.40
C ASP A 234 -17.03 -16.75 9.94
N GLY A 235 -16.30 -15.79 10.49
CA GLY A 235 -16.38 -15.49 11.93
C GLY A 235 -15.40 -16.28 12.76
N THR A 236 -14.54 -17.06 12.10
CA THR A 236 -13.52 -17.89 12.74
C THR A 236 -12.21 -17.09 12.93
N ARG A 237 -11.37 -17.52 13.86
CA ARG A 237 -10.03 -16.95 14.08
C ARG A 237 -8.95 -17.98 13.75
N LYS A 238 -7.96 -17.60 12.95
CA LYS A 238 -6.87 -18.52 12.57
C LYS A 238 -5.48 -17.95 12.81
N PRO A 239 -4.47 -18.83 13.03
CA PRO A 239 -3.08 -18.38 13.08
C PRO A 239 -2.66 -17.73 11.77
N VAL A 240 -1.61 -16.93 11.82
CA VAL A 240 -1.20 -16.11 10.67
C VAL A 240 -0.52 -16.92 9.56
N THR A 241 -0.33 -18.21 9.81
CA THR A 241 0.14 -19.19 8.80
C THR A 241 -0.98 -19.61 7.84
N GLU A 242 -2.21 -19.56 8.20
CA GLU A 242 -3.34 -19.85 7.32
C GLU A 242 -3.93 -18.59 6.69
N ALA A 243 -3.11 -17.86 5.96
CA ALA A 243 -3.53 -16.63 5.28
C ALA A 243 -4.25 -16.93 3.97
N GLN A 244 -3.97 -18.11 3.43
CA GLN A 244 -4.54 -18.56 2.17
C GLN A 244 -5.97 -19.06 2.32
N SER A 245 -6.38 -19.34 3.55
CA SER A 245 -7.75 -19.79 3.85
C SER A 245 -8.55 -18.80 4.71
N CYS A 246 -7.93 -17.68 5.06
CA CYS A 246 -8.52 -16.72 5.98
C CYS A 246 -8.12 -15.28 5.63
N HIS A 247 -8.53 -14.82 4.45
CA HIS A 247 -8.25 -13.46 3.99
C HIS A 247 -9.53 -12.77 3.57
N LEU A 248 -9.46 -11.46 3.43
CA LEU A 248 -10.61 -10.66 3.04
C LEU A 248 -10.73 -10.58 1.52
N ALA A 249 -9.60 -10.64 0.84
CA ALA A 249 -9.56 -10.60 -0.62
C ALA A 249 -8.13 -10.83 -1.10
N VAL A 250 -7.98 -11.11 -2.39
CA VAL A 250 -6.67 -11.03 -3.01
C VAL A 250 -6.58 -9.71 -3.81
N ALA A 251 -5.52 -8.95 -3.56
CA ALA A 251 -5.34 -7.60 -4.11
C ALA A 251 -4.38 -7.58 -5.29
N PRO A 252 -4.63 -6.71 -6.29
CA PRO A 252 -3.64 -6.55 -7.36
C PRO A 252 -2.42 -5.83 -6.79
N ASN A 253 -1.23 -6.25 -7.20
CA ASN A 253 0.02 -5.68 -6.70
C ASN A 253 0.10 -4.16 -6.95
N HIS A 254 0.78 -3.45 -6.05
CA HIS A 254 1.12 -2.04 -6.28
C HIS A 254 1.81 -1.95 -7.63
N ALA A 255 1.55 -0.89 -8.38
CA ALA A 255 2.10 -0.70 -9.72
C ALA A 255 2.45 0.75 -10.09
N VAL A 256 3.43 0.89 -10.99
CA VAL A 256 3.78 2.20 -11.54
C VAL A 256 2.70 2.70 -12.52
N VAL A 257 2.29 3.95 -12.36
CA VAL A 257 1.40 4.57 -13.35
C VAL A 257 2.05 5.83 -13.95
N SER A 258 1.65 6.18 -15.17
CA SER A 258 2.11 7.39 -15.86
C SER A 258 1.07 7.84 -16.88
N ARG A 259 1.30 9.00 -17.50
CA ARG A 259 0.53 9.37 -18.67
C ARG A 259 0.88 8.44 -19.82
N SER A 260 -0.08 8.03 -20.75
CA SER A 260 0.12 7.11 -21.86
C SER A 260 1.13 7.60 -22.91
N ASP A 261 1.33 8.92 -22.97
CA ASP A 261 2.32 9.52 -23.84
C ASP A 261 3.74 9.42 -23.28
N ARG A 262 3.92 8.91 -22.05
CA ARG A 262 5.18 8.83 -21.29
C ARG A 262 5.48 7.41 -20.76
N ALA A 263 4.46 6.56 -20.88
CA ALA A 263 4.51 5.16 -20.39
C ALA A 263 5.68 4.36 -20.95
N ALA A 264 5.92 4.47 -22.25
CA ALA A 264 6.95 3.66 -22.90
C ALA A 264 8.33 4.05 -22.39
N HIS A 265 8.53 5.35 -22.21
CA HIS A 265 9.82 5.86 -21.77
C HIS A 265 10.07 5.61 -20.28
N VAL A 266 9.03 5.80 -19.47
CA VAL A 266 9.08 5.46 -18.04
C VAL A 266 9.46 3.98 -17.85
N GLU A 267 8.86 3.11 -18.66
CA GLU A 267 9.15 1.67 -18.59
C GLU A 267 10.62 1.38 -18.92
N GLN A 268 11.09 1.94 -20.03
CA GLN A 268 12.48 1.75 -20.46
C GLN A 268 13.50 2.10 -19.36
N VAL A 269 13.36 3.32 -18.81
CA VAL A 269 14.23 3.84 -17.75
C VAL A 269 14.20 3.00 -16.47
N LEU A 270 13.01 2.54 -16.09
CA LEU A 270 12.84 1.76 -14.85
C LEU A 270 13.48 0.38 -14.93
N LEU A 271 13.32 -0.30 -16.06
CA LEU A 271 13.97 -1.60 -16.29
C LEU A 271 15.48 -1.46 -16.18
N HIS A 272 16.01 -0.37 -16.73
CA HIS A 272 17.44 -0.05 -16.57
C HIS A 272 17.80 0.32 -15.12
N GLN A 273 16.97 1.15 -14.47
CA GLN A 273 17.22 1.56 -13.09
C GLN A 273 17.26 0.39 -12.10
N GLN A 274 16.37 -0.59 -12.27
CA GLN A 274 16.40 -1.78 -11.42
C GLN A 274 17.57 -2.73 -11.71
N ALA A 275 17.99 -2.82 -12.97
CA ALA A 275 19.21 -3.57 -13.30
C ALA A 275 20.42 -3.05 -12.50
N LEU A 276 20.42 -1.75 -12.21
CA LEU A 276 21.47 -1.11 -11.43
C LEU A 276 21.24 -1.19 -9.91
N PHE A 277 20.03 -0.85 -9.46
CA PHE A 277 19.78 -0.70 -8.00
C PHE A 277 18.70 -1.63 -7.41
N GLY A 278 18.17 -2.54 -8.22
CA GLY A 278 17.21 -3.53 -7.73
C GLY A 278 17.81 -4.68 -6.92
N LYS A 279 17.00 -5.72 -6.68
CA LYS A 279 17.40 -6.82 -5.80
C LYS A 279 18.82 -7.36 -6.05
N ASN A 280 19.08 -7.87 -7.25
CA ASN A 280 20.42 -8.31 -7.63
C ASN A 280 21.17 -7.23 -8.42
N GLY A 281 20.83 -5.98 -8.14
CA GLY A 281 21.34 -4.82 -8.87
C GLY A 281 22.85 -4.73 -8.89
N LYS A 282 23.38 -4.31 -10.04
CA LYS A 282 24.82 -4.14 -10.22
C LYS A 282 25.46 -3.27 -9.14
N ASN A 283 24.75 -2.19 -8.53
CA ASN A 283 25.19 -1.19 -7.57
C ASN A 283 24.33 -1.09 -6.31
N CYS A 284 23.60 -2.16 -5.99
CA CYS A 284 22.74 -2.18 -4.79
C CYS A 284 23.53 -2.32 -3.49
N PRO A 285 24.16 -3.49 -3.24
CA PRO A 285 24.81 -3.69 -1.93
C PRO A 285 26.02 -2.79 -1.70
N ASP A 286 26.42 -2.06 -2.74
CA ASP A 286 27.59 -1.20 -2.68
C ASP A 286 27.24 0.28 -2.57
N LYS A 287 26.29 0.73 -3.40
CA LYS A 287 25.96 2.15 -3.49
C LYS A 287 24.53 2.48 -3.03
N PHE A 288 23.54 1.99 -3.77
CA PHE A 288 22.13 2.28 -3.48
C PHE A 288 21.20 1.17 -3.95
N CYS A 289 20.25 0.81 -3.09
CA CYS A 289 19.20 -0.14 -3.44
C CYS A 289 17.84 0.55 -3.52
N LEU A 290 17.12 0.28 -4.59
CA LEU A 290 15.86 0.95 -4.89
C LEU A 290 14.70 0.40 -4.05
N PHE A 291 14.78 -0.88 -3.69
CA PHE A 291 13.71 -1.55 -2.96
C PHE A 291 14.03 -1.79 -1.48
N LYS A 292 14.92 -0.95 -0.93
CA LYS A 292 15.27 -1.01 0.49
C LYS A 292 15.20 0.38 1.14
N SER A 293 14.47 0.46 2.25
CA SER A 293 14.28 1.71 2.98
C SER A 293 14.05 1.50 4.48
N GLU A 294 14.66 0.45 5.02
CA GLU A 294 14.56 0.10 6.44
C GLU A 294 13.12 -0.12 6.90
N THR A 295 12.50 -1.19 6.39
CA THR A 295 11.10 -1.58 6.68
C THR A 295 10.09 -0.42 6.77
N LYS A 296 10.30 0.62 5.95
CA LYS A 296 9.41 1.79 5.91
C LYS A 296 8.54 1.82 4.65
N ASN A 297 8.92 1.02 3.66
CA ASN A 297 8.21 0.90 2.38
C ASN A 297 8.10 2.23 1.59
N LEU A 298 9.21 2.95 1.53
CA LEU A 298 9.27 4.24 0.84
C LEU A 298 9.43 4.04 -0.66
N LEU A 299 8.64 4.79 -1.43
CA LEU A 299 8.58 4.69 -2.90
C LEU A 299 8.04 3.34 -3.38
N PHE A 300 8.69 2.18 -3.07
CA PHE A 300 8.28 0.80 -3.37
C PHE A 300 8.23 0.02 -2.07
N ASN A 301 7.50 -1.09 -2.08
CA ASN A 301 7.51 -2.01 -0.95
C ASN A 301 8.88 -2.66 -0.85
N ASP A 302 9.35 -2.79 0.39
CA ASP A 302 10.67 -3.34 0.68
C ASP A 302 10.80 -4.82 0.30
N ASN A 303 9.66 -5.49 0.11
CA ASN A 303 9.66 -6.87 -0.35
C ASN A 303 9.62 -7.06 -1.87
N THR A 304 9.68 -5.96 -2.62
CA THR A 304 9.69 -6.02 -4.07
C THR A 304 10.99 -6.67 -4.59
N GLU A 305 10.86 -7.75 -5.34
CA GLU A 305 12.02 -8.41 -5.97
C GLU A 305 12.39 -7.68 -7.26
N CYS A 306 11.37 -7.27 -8.00
CA CYS A 306 11.54 -6.49 -9.22
C CYS A 306 10.22 -5.86 -9.64
N LEU A 307 10.30 -4.94 -10.59
CA LEU A 307 9.12 -4.45 -11.29
C LEU A 307 8.96 -5.30 -12.56
N ALA A 308 7.79 -5.92 -12.70
CA ALA A 308 7.56 -6.87 -13.79
C ALA A 308 6.71 -6.28 -14.91
N LYS A 309 6.97 -6.76 -16.12
CA LYS A 309 6.19 -6.37 -17.28
C LYS A 309 4.76 -6.87 -17.14
N LEU A 310 3.82 -6.10 -17.68
CA LEU A 310 2.42 -6.41 -17.55
C LEU A 310 1.92 -7.42 -18.60
N GLY A 311 2.07 -7.13 -19.89
CA GLY A 311 1.57 -8.06 -20.90
C GLY A 311 0.03 -7.94 -21.03
N GLY A 312 -0.47 -7.88 -22.26
CA GLY A 312 -1.86 -7.69 -22.54
C GLY A 312 -2.11 -6.19 -22.53
N ARG A 313 -1.01 -5.42 -22.47
CA ARG A 313 -1.05 -3.96 -22.35
C ARG A 313 -2.36 -3.50 -21.69
N PRO A 314 -2.53 -3.83 -20.39
CA PRO A 314 -3.85 -3.67 -19.77
C PRO A 314 -4.23 -2.24 -19.47
N THR A 315 -5.52 -1.97 -19.62
CA THR A 315 -6.15 -0.76 -19.13
C THR A 315 -6.09 -0.84 -17.60
N TYR A 316 -6.33 0.28 -16.91
CA TYR A 316 -6.31 0.25 -15.46
C TYR A 316 -7.38 -0.70 -14.90
N GLU A 317 -8.53 -0.77 -15.59
CA GLU A 317 -9.61 -1.68 -15.19
C GLU A 317 -9.21 -3.16 -15.35
N GLU A 318 -8.56 -3.48 -16.46
CA GLU A 318 -8.03 -4.84 -16.68
C GLU A 318 -6.97 -5.21 -15.64
N TYR A 319 -6.11 -4.25 -15.30
CA TYR A 319 -5.10 -4.47 -14.25
C TYR A 319 -5.70 -4.76 -12.89
N LEU A 320 -6.72 -3.99 -12.51
CA LEU A 320 -7.29 -4.10 -11.17
C LEU A 320 -8.21 -5.31 -11.11
N GLY A 321 -8.89 -5.62 -12.27
CA GLY A 321 -9.88 -6.68 -12.41
C GLY A 321 -11.29 -6.16 -12.21
N THR A 322 -12.21 -6.65 -13.04
CA THR A 322 -13.61 -6.24 -13.01
C THR A 322 -14.27 -6.48 -11.65
N GLU A 323 -13.79 -7.49 -10.94
CA GLU A 323 -14.25 -7.85 -9.58
C GLU A 323 -13.96 -6.71 -8.58
N TYR A 324 -12.73 -6.21 -8.62
CA TYR A 324 -12.28 -5.17 -7.69
C TYR A 324 -12.75 -3.77 -8.08
N VAL A 325 -12.81 -3.49 -9.38
CA VAL A 325 -13.26 -2.19 -9.90
C VAL A 325 -14.71 -1.89 -9.48
N THR A 326 -15.58 -2.90 -9.58
CA THR A 326 -16.98 -2.77 -9.17
C THR A 326 -17.13 -2.65 -7.66
N ALA A 327 -16.19 -3.24 -6.92
CA ALA A 327 -16.19 -3.20 -5.45
C ALA A 327 -15.89 -1.80 -4.92
N ILE A 328 -15.05 -1.05 -5.62
CA ILE A 328 -14.74 0.34 -5.26
C ILE A 328 -15.92 1.25 -5.65
N ALA A 329 -16.45 1.04 -6.85
CA ALA A 329 -17.57 1.83 -7.38
C ALA A 329 -18.81 1.77 -6.49
N ASN A 330 -19.02 0.61 -5.86
CA ASN A 330 -20.11 0.43 -4.90
C ASN A 330 -19.85 1.15 -3.58
N LEU A 331 -18.59 1.23 -3.19
CA LEU A 331 -18.17 1.93 -1.96
C LEU A 331 -18.12 3.44 -2.17
N LYS A 332 -17.78 3.86 -3.39
CA LYS A 332 -17.67 5.28 -3.74
C LYS A 332 -19.02 6.01 -3.77
N LYS A 333 -20.11 5.23 -3.84
CA LYS A 333 -21.47 5.78 -3.83
C LYS A 333 -21.84 6.39 -2.48
N CYS A 334 -21.21 5.89 -1.42
CA CYS A 334 -21.44 6.37 -0.06
C CYS A 334 -20.80 7.75 0.19
N SER A 335 -19.64 7.96 -0.41
CA SER A 335 -18.92 9.24 -0.28
C SER A 335 -19.44 10.26 -1.28
N LEU A 340 -21.47 9.27 -11.76
CA LEU A 340 -20.90 8.04 -11.20
C LEU A 340 -19.51 7.75 -11.77
N GLU A 341 -19.24 8.29 -12.97
CA GLU A 341 -17.94 8.13 -13.62
C GLU A 341 -17.33 9.47 -14.05
N ALA A 342 -16.24 9.84 -13.39
CA ALA A 342 -15.50 11.08 -13.67
C ALA A 342 -14.17 11.11 -12.92
N CYS A 343 -13.27 11.97 -13.39
CA CYS A 343 -12.02 12.24 -12.67
C CYS A 343 -12.31 13.07 -11.43
N ALA A 344 -11.68 12.69 -10.32
CA ALA A 344 -11.90 13.35 -9.03
C ALA A 344 -11.35 14.78 -8.97
N PHE A 345 -10.42 15.08 -9.88
CA PHE A 345 -9.77 16.40 -9.92
C PHE A 345 -10.21 17.21 -11.14
C1 NAG B . 21.42 7.34 -17.94
C2 NAG B . 22.26 6.10 -17.64
C3 NAG B . 23.21 5.77 -18.80
C4 NAG B . 22.50 5.77 -20.16
C5 NAG B . 21.58 6.99 -20.30
C6 NAG B . 20.71 6.95 -21.56
C7 NAG B . 22.56 5.79 -15.19
C8 NAG B . 23.59 5.72 -14.11
N2 NAG B . 23.00 6.26 -16.38
O3 NAG B . 23.81 4.51 -18.63
O4 NAG B . 23.47 5.73 -21.21
O5 NAG B . 20.74 7.10 -19.17
O6 NAG B . 19.92 5.78 -21.58
O7 NAG B . 21.39 5.45 -14.95
C1 NAG B . 23.27 4.51 -21.99
C2 NAG B . 23.83 4.64 -23.41
C3 NAG B . 23.57 3.36 -24.22
C4 NAG B . 23.73 2.05 -23.41
C5 NAG B . 23.16 2.20 -21.99
C6 NAG B . 23.28 0.94 -21.13
C7 NAG B . 23.62 7.01 -24.08
C8 NAG B . 23.11 7.91 -25.17
N2 NAG B . 23.18 5.76 -24.10
O3 NAG B . 24.45 3.32 -25.34
O4 NAG B . 23.05 1.02 -24.08
O5 NAG B . 23.76 3.33 -21.38
O6 NAG B . 24.61 0.68 -20.76
O7 NAG B . 24.40 7.47 -23.23
C1 NAG C . -20.78 -4.98 -2.20
C2 NAG C . -19.65 -5.82 -2.82
C3 NAG C . -19.68 -5.80 -4.35
C4 NAG C . -21.08 -5.98 -4.93
C5 NAG C . -22.07 -5.07 -4.20
C6 NAG C . -23.52 -5.22 -4.69
C7 NAG C . -17.49 -6.16 -1.70
C8 NAG C . -16.21 -5.52 -1.24
N2 NAG C . -18.36 -5.36 -2.32
O3 NAG C . -18.84 -6.84 -4.84
O4 NAG C . -21.05 -5.67 -6.32
O5 NAG C . -22.01 -5.33 -2.81
O6 NAG C . -24.01 -6.52 -4.41
O7 NAG C . -17.68 -7.37 -1.52
C1 NAG C . -21.39 -6.81 -7.14
C2 NAG C . -22.02 -6.31 -8.44
C3 NAG C . -22.36 -7.46 -9.39
C4 NAG C . -21.22 -8.48 -9.52
C5 NAG C . -20.63 -8.82 -8.14
C6 NAG C . -19.41 -9.75 -8.21
C7 NAG C . -23.37 -4.24 -8.42
C8 NAG C . -24.76 -3.69 -8.26
N2 NAG C . -23.22 -5.54 -8.14
O3 NAG C . -22.70 -6.95 -10.64
O4 NAG C . -21.76 -9.63 -10.15
O5 NAG C . -20.28 -7.64 -7.45
O6 NAG C . -18.23 -9.01 -8.43
O7 NAG C . -22.46 -3.50 -8.79
C1 MAN C . -21.05 -10.02 -11.36
C2 MAN C . -21.61 -9.27 -12.59
C3 MAN C . -21.63 -10.15 -13.85
C4 MAN C . -20.45 -11.12 -13.89
C5 MAN C . -20.34 -11.96 -12.62
C6 MAN C . -18.89 -12.17 -12.22
O2 MAN C . -20.83 -8.13 -12.83
O3 MAN C . -21.60 -9.35 -15.00
O4 MAN C . -20.61 -11.99 -14.99
O5 MAN C . -21.09 -11.42 -11.54
O6 MAN C . -18.31 -13.14 -13.06
C1 NAG D . 2.56 -14.42 3.96
C2 NAG D . 2.70 -15.56 2.93
C3 NAG D . 4.04 -16.30 3.11
C4 NAG D . 5.24 -15.35 3.19
C5 NAG D . 4.94 -14.14 4.10
C6 NAG D . 5.99 -13.05 3.92
C7 NAG D . 0.74 -16.77 2.03
C8 NAG D . -0.33 -17.77 2.35
N2 NAG D . 1.58 -16.48 3.03
O3 NAG D . 4.21 -17.20 2.04
O4 NAG D . 6.38 -16.04 3.67
O5 NAG D . 3.68 -13.57 3.81
O6 NAG D . 5.94 -12.61 2.58
O7 NAG D . 0.80 -16.27 0.91
C1 NAG D . 7.49 -16.02 2.75
C2 NAG D . 8.79 -16.21 3.56
C3 NAG D . 10.02 -16.53 2.71
C4 NAG D . 9.68 -17.64 1.69
C5 NAG D . 8.46 -17.20 0.86
C6 NAG D . 8.12 -18.24 -0.20
C7 NAG D . 9.17 -15.01 5.67
C8 NAG D . 9.96 -13.89 6.28
N2 NAG D . 9.04 -15.01 4.35
O3 NAG D . 11.06 -16.93 3.56
O4 NAG D . 10.73 -18.09 0.82
O5 NAG D . 7.36 -17.01 1.73
O6 NAG D . 6.82 -18.03 -0.68
O7 NAG D . 8.67 -15.87 6.41
C1 MAN D . 11.96 -17.31 0.80
C2 MAN D . 12.34 -16.92 -0.62
C3 MAN D . 13.05 -18.06 -1.38
C4 MAN D . 14.13 -18.73 -0.54
C5 MAN D . 13.62 -19.07 0.87
C6 MAN D . 14.78 -19.58 1.74
O2 MAN D . 13.18 -15.79 -0.56
O3 MAN D . 13.65 -17.55 -2.55
O4 MAN D . 14.54 -19.91 -1.21
O5 MAN D . 13.04 -17.94 1.49
O6 MAN D . 14.53 -19.36 3.11
C1 GLC E . -7.43 -12.04 -8.08
C2 GLC E . -7.39 -10.52 -8.18
C3 GLC E . -5.94 -10.00 -8.20
C4 GLC E . -4.98 -10.84 -9.09
C5 GLC E . -5.29 -12.35 -9.16
C6 GLC E . -4.63 -13.17 -8.04
O1 GLC E . -8.74 -12.49 -8.25
O2 GLC E . -8.08 -10.21 -9.35
O3 GLC E . -5.41 -9.92 -6.90
O4 GLC E . -4.09 -10.38 -10.13
O5 GLC E . -6.68 -12.63 -9.12
O6 GLC E . -5.10 -14.50 -8.06
C1 GAL E . -4.94 -9.67 -11.05
C2 GAL E . -4.17 -8.98 -12.17
C3 GAL E . -5.13 -8.26 -13.13
C4 GAL E . -6.26 -9.20 -13.60
C5 GAL E . -6.88 -9.92 -12.39
C6 GAL E . -7.91 -10.98 -12.77
O2 GAL E . -3.26 -8.03 -11.67
O3 GAL E . -4.37 -7.73 -14.19
O4 GAL E . -6.56 -10.10 -14.68
O5 GAL E . -5.87 -10.56 -11.64
O6 GAL E . -8.29 -11.70 -11.62
C2 BGC E . -6.73 -9.75 -17.01
C3 BGC E . -7.47 -8.97 -18.09
C4 BGC E . -8.98 -9.12 -17.90
C5 BGC E . -9.35 -8.69 -16.46
C6 BGC E . -10.82 -8.95 -16.11
C1 BGC E . -7.19 -9.28 -15.64
O2 BGC E . -5.33 -9.55 -17.16
O3 BGC E . -7.08 -9.44 -19.36
O4 BGC E . -9.57 -8.33 -18.89
O5 BGC E . -8.60 -9.44 -15.53
O6 BGC E . -11.01 -8.80 -14.72
S SO4 F . -7.64 -18.27 19.53
O1 SO4 F . -8.13 -17.85 18.22
O2 SO4 F . -8.58 -19.22 20.11
O3 SO4 F . -6.33 -18.90 19.37
O4 SO4 F . -7.50 -17.12 20.42
ZN ZN G . -6.92 -5.31 -22.84
ZN ZN H . -9.76 -15.87 -1.63
FE FE I . -1.90 -2.12 -1.04
C CO3 J . -3.11 -1.30 1.01
O1 CO3 J . -2.08 -0.63 0.54
O2 CO3 J . -3.51 -2.37 0.37
O3 CO3 J . -3.72 -0.93 2.09
#